data_2N2O
#
_entry.id   2N2O
#
_entity_poly.entity_id   1
_entity_poly.type   'polyribonucleotide'
_entity_poly.pdbx_seq_one_letter_code
;GCAUGUUUUCUGUGAAAACGGUU
;
_entity_poly.pdbx_strand_id   A
#
loop_
_chem_comp.id
_chem_comp.type
_chem_comp.name
_chem_comp.formula
A RNA linking ADENOSINE-5'-MONOPHOSPHATE 'C10 H14 N5 O7 P'
C RNA linking CYTIDINE-5'-MONOPHOSPHATE 'C9 H14 N3 O8 P'
G RNA linking GUANOSINE-5'-MONOPHOSPHATE 'C10 H14 N5 O8 P'
U RNA linking URIDINE-5'-MONOPHOSPHATE 'C9 H13 N2 O9 P'
#